data_5DC9
#
_entry.id   5DC9
#
_cell.length_a   66.391
_cell.length_b   66.391
_cell.length_c   112.797
_cell.angle_alpha   90.00
_cell.angle_beta   90.00
_cell.angle_gamma   90.00
#
_symmetry.space_group_name_H-M   'P 41 21 2'
#
loop_
_entity.id
_entity.type
_entity.pdbx_description
1 polymer 'Tyrosine-protein kinase ABL1'
2 polymer 'AS25 monobody'
3 non-polymer GLYCEROL
4 non-polymer IMIDAZOLE
5 water water
#
loop_
_entity_poly.entity_id
_entity_poly.type
_entity_poly.pdbx_seq_one_letter_code
_entity_poly.pdbx_strand_id
1 'polypeptide(L)'
;GSPSNYITPVNSLEKHSWYHGPVSRNAAEYLLSSGINGSFLVRESESSPGQRSISLRYEGRVYHYRINTASDGKLYVSSE
SRFNTLAELVHHHSTVADGLITTLHYPAPKRNKPTVYGVSPNY
;
A
2 'polypeptide(L)'
;SSVSDVPTKLEVVAATPTSLLISWDAPAVTVDYYVITYGETGGWSGYQEFEVPGSKSTATISGLSPGVDYTITVYAYGYP
YVKYNKSPISINYRT
;
B
#
loop_
_chem_comp.id
_chem_comp.type
_chem_comp.name
_chem_comp.formula
GOL non-polymer GLYCEROL 'C3 H8 O3'
IMD non-polymer IMIDAZOLE 'C3 H5 N2 1'
#
# COMPACT_ATOMS: atom_id res chain seq x y z
N SER A 12 1.31 18.94 7.54
CA SER A 12 2.55 19.08 6.71
C SER A 12 2.96 17.70 6.12
N LEU A 13 3.39 16.79 6.98
CA LEU A 13 3.75 15.44 6.52
C LEU A 13 2.52 14.72 6.00
N GLU A 14 1.35 15.18 6.44
CA GLU A 14 0.10 14.54 6.06
C GLU A 14 -0.14 14.57 4.55
N LYS A 15 0.54 15.47 3.83
CA LYS A 15 0.40 15.55 2.38
C LYS A 15 0.99 14.33 1.67
N HIS A 16 1.86 13.59 2.36
CA HIS A 16 2.49 12.43 1.73
C HIS A 16 1.57 11.23 1.79
N SER A 17 1.49 10.54 0.66
CA SER A 17 0.70 9.32 0.54
C SER A 17 1.04 8.29 1.61
N TRP A 18 2.33 8.23 1.96
CA TRP A 18 2.82 7.21 2.87
C TRP A 18 2.80 7.56 4.34
N TYR A 19 2.40 8.80 4.67
CA TYR A 19 2.41 9.25 6.06
C TYR A 19 1.02 9.15 6.69
N HIS A 20 0.89 8.23 7.64
CA HIS A 20 -0.43 7.88 8.18
C HIS A 20 -0.71 8.51 9.53
N GLY A 21 0.28 9.22 10.08
CA GLY A 21 0.12 9.86 11.38
C GLY A 21 0.17 8.85 12.52
N PRO A 22 -0.54 9.14 13.61
CA PRO A 22 -0.48 8.22 14.74
C PRO A 22 -1.27 6.95 14.46
N VAL A 23 -0.56 5.85 14.45
CA VAL A 23 -1.13 4.55 14.17
C VAL A 23 -0.30 3.58 14.99
N SER A 24 -0.95 2.64 15.68
CA SER A 24 -0.21 1.66 16.47
C SER A 24 0.44 0.64 15.56
N ARG A 25 1.42 -0.07 16.09
CA ARG A 25 2.04 -1.17 15.36
C ARG A 25 1.03 -2.20 14.91
N ASN A 26 0.17 -2.64 15.83
CA ASN A 26 -0.78 -3.67 15.47
C ASN A 26 -1.78 -3.18 14.41
N ALA A 27 -2.20 -1.92 14.51
CA ALA A 27 -3.09 -1.33 13.52
C ALA A 27 -2.40 -1.23 12.15
N ALA A 28 -1.13 -0.83 12.13
CA ALA A 28 -0.35 -0.79 10.89
C ALA A 28 -0.38 -2.14 10.21
N GLU A 29 -0.30 -3.21 10.97
CA GLU A 29 -0.32 -4.54 10.38
C GLU A 29 -1.65 -4.83 9.70
N TYR A 30 -2.74 -4.39 10.27
CA TYR A 30 -4.04 -4.52 9.62
C TYR A 30 -4.07 -3.68 8.35
N LEU A 31 -3.60 -2.44 8.41
CA LEU A 31 -3.58 -1.55 7.23
C LEU A 31 -2.78 -2.12 6.08
N LEU A 32 -1.76 -2.91 6.38
CA LEU A 32 -0.89 -3.52 5.40
C LEU A 32 -1.35 -4.90 4.96
N SER A 33 -2.38 -5.43 5.59
CA SER A 33 -2.74 -6.81 5.35
C SER A 33 -3.38 -7.00 3.96
N SER A 34 -3.87 -5.91 3.38
CA SER A 34 -4.34 -5.87 1.98
C SER A 34 -3.21 -5.53 1.01
N GLY A 35 -2.01 -5.46 1.54
CA GLY A 35 -0.84 -5.08 0.78
C GLY A 35 -0.12 -6.23 0.08
N ILE A 36 0.97 -5.87 -0.56
CA ILE A 36 1.82 -6.80 -1.26
C ILE A 36 3.28 -6.52 -0.85
N ASN A 37 4.25 -7.28 -1.35
CA ASN A 37 5.68 -6.99 -0.99
C ASN A 37 6.01 -5.56 -1.38
N GLY A 38 6.57 -4.80 -0.45
CA GLY A 38 6.86 -3.40 -0.69
C GLY A 38 5.77 -2.42 -0.27
N SER A 39 4.60 -2.91 0.15
CA SER A 39 3.60 -2.05 0.75
C SER A 39 4.12 -1.53 2.08
N PHE A 40 3.89 -0.25 2.35
CA PHE A 40 4.44 0.37 3.55
C PHE A 40 3.70 1.61 3.98
N LEU A 41 3.97 2.01 5.22
CA LEU A 41 3.48 3.25 5.75
C LEU A 41 4.45 3.74 6.83
N VAL A 42 4.38 5.03 7.07
CA VAL A 42 5.15 5.69 8.12
C VAL A 42 4.15 6.16 9.15
N ARG A 43 4.46 5.89 10.41
CA ARG A 43 3.53 6.16 11.51
C ARG A 43 4.25 6.86 12.63
N GLU A 44 3.47 7.58 13.43
CA GLU A 44 3.92 8.16 14.67
C GLU A 44 3.43 7.30 15.81
N SER A 45 4.23 7.27 16.87
CA SER A 45 3.81 6.70 18.15
C SER A 45 2.63 7.48 18.76
N GLU A 46 1.63 6.75 19.23
CA GLU A 46 0.43 7.36 19.81
C GLU A 46 0.73 7.91 21.20
N SER A 47 1.82 7.43 21.79
CA SER A 47 2.22 7.77 23.15
C SER A 47 3.37 8.77 23.19
N SER A 48 4.24 8.73 22.18
CA SER A 48 5.46 9.54 22.20
C SER A 48 5.56 10.40 20.94
N PRO A 49 4.97 11.60 20.98
CA PRO A 49 5.05 12.56 19.88
C PRO A 49 6.48 12.71 19.34
N GLY A 50 6.64 12.65 18.02
CA GLY A 50 7.96 12.78 17.42
C GLY A 50 8.67 11.45 17.17
N GLN A 51 8.23 10.38 17.83
CA GLN A 51 8.78 9.04 17.63
C GLN A 51 8.08 8.32 16.48
N ARG A 52 8.84 7.94 15.44
CA ARG A 52 8.22 7.40 14.22
C ARG A 52 8.84 6.11 13.73
N SER A 53 8.05 5.33 12.98
CA SER A 53 8.49 4.04 12.46
C SER A 53 7.98 3.86 11.05
N ILE A 54 8.67 3.01 10.31
CA ILE A 54 8.22 2.55 9.03
C ILE A 54 7.80 1.09 9.14
N SER A 55 6.59 0.80 8.69
CA SER A 55 6.07 -0.57 8.67
C SER A 55 6.02 -1.01 7.21
N LEU A 56 6.57 -2.21 6.97
CA LEU A 56 6.87 -2.69 5.63
C LEU A 56 6.47 -4.15 5.47
N ARG A 57 5.67 -4.41 4.44
CA ARG A 57 5.21 -5.75 4.17
C ARG A 57 6.16 -6.53 3.28
N TYR A 58 6.47 -7.76 3.69
CA TYR A 58 7.28 -8.66 2.89
C TYR A 58 6.89 -10.10 3.19
N GLU A 59 6.57 -10.82 2.11
CA GLU A 59 6.24 -12.24 2.17
CA GLU A 59 6.23 -12.24 2.16
C GLU A 59 5.22 -12.55 3.27
N GLY A 60 4.17 -11.72 3.31
CA GLY A 60 3.02 -11.96 4.16
C GLY A 60 3.19 -11.52 5.60
N ARG A 61 4.34 -10.91 5.90
CA ARG A 61 4.58 -10.41 7.26
CA ARG A 61 4.63 -10.43 7.24
C ARG A 61 4.99 -8.95 7.23
N VAL A 62 5.01 -8.32 8.40
CA VAL A 62 5.29 -6.90 8.52
C VAL A 62 6.51 -6.69 9.40
N TYR A 63 7.43 -5.92 8.85
CA TYR A 63 8.72 -5.57 9.44
C TYR A 63 8.67 -4.10 9.80
N HIS A 64 9.01 -3.81 11.06
CA HIS A 64 8.88 -2.47 11.62
C HIS A 64 10.24 -1.88 11.94
N TYR A 65 10.52 -0.72 11.37
CA TYR A 65 11.81 -0.05 11.50
C TYR A 65 11.68 1.32 12.17
N ARG A 66 12.34 1.47 13.31
CA ARG A 66 12.31 2.78 13.98
C ARG A 66 13.13 3.78 13.14
N ILE A 67 12.62 4.99 13.01
CA ILE A 67 13.34 6.08 12.36
C ILE A 67 14.17 6.73 13.45
N ASN A 68 15.48 6.50 13.36
CA ASN A 68 16.44 6.98 14.34
C ASN A 68 16.91 8.39 14.00
N THR A 69 17.34 9.14 15.02
CA THR A 69 17.83 10.51 14.81
C THR A 69 19.30 10.53 15.20
N ALA A 70 20.15 11.01 14.30
CA ALA A 70 21.59 11.06 14.58
C ALA A 70 21.90 12.25 15.46
N SER A 71 23.12 12.31 15.98
CA SER A 71 23.51 13.40 16.87
C SER A 71 23.41 14.75 16.19
N ASP A 72 23.59 14.78 14.86
CA ASP A 72 23.43 15.99 14.07
C ASP A 72 22.01 16.24 13.54
N GLY A 73 21.05 15.43 13.98
CA GLY A 73 19.65 15.66 13.64
C GLY A 73 19.19 14.91 12.40
N LYS A 74 20.09 14.22 11.71
CA LYS A 74 19.70 13.51 10.50
C LYS A 74 18.91 12.27 10.87
N LEU A 75 18.07 11.83 9.94
CA LEU A 75 17.18 10.68 10.14
C LEU A 75 17.70 9.47 9.38
N TYR A 76 17.54 8.28 9.96
CA TYR A 76 17.91 7.03 9.28
C TYR A 76 17.13 5.82 9.81
N VAL A 77 16.87 4.87 8.92
CA VAL A 77 16.35 3.58 9.31
C VAL A 77 17.44 2.54 9.23
N SER A 78 18.53 2.89 8.56
CA SER A 78 19.68 2.05 8.34
C SER A 78 20.89 2.97 8.48
N SER A 79 21.80 2.62 9.40
CA SER A 79 22.81 3.58 9.85
C SER A 79 23.65 4.14 8.72
N GLU A 80 23.90 3.31 7.72
CA GLU A 80 24.73 3.67 6.57
C GLU A 80 24.15 4.78 5.68
N SER A 81 22.87 5.09 5.80
CA SER A 81 22.22 6.06 4.90
C SER A 81 21.34 7.06 5.66
N ARG A 82 21.80 8.31 5.72
CA ARG A 82 21.20 9.30 6.62
C ARG A 82 20.75 10.52 5.81
N PHE A 83 19.72 11.19 6.33
CA PHE A 83 18.96 12.16 5.55
C PHE A 83 18.54 13.38 6.37
N ASN A 84 18.44 14.52 5.70
CA ASN A 84 17.96 15.73 6.36
C ASN A 84 16.47 15.71 6.64
N THR A 85 15.69 15.05 5.77
CA THR A 85 14.25 15.05 5.94
C THR A 85 13.71 13.63 5.75
N LEU A 86 12.52 13.41 6.31
CA LEU A 86 11.83 12.15 6.19
C LEU A 86 11.44 11.87 4.74
N ALA A 87 11.01 12.90 4.02
CA ALA A 87 10.65 12.72 2.62
C ALA A 87 11.84 12.24 1.79
N GLU A 88 13.04 12.76 2.06
CA GLU A 88 14.25 12.31 1.38
C GLU A 88 14.59 10.87 1.71
N LEU A 89 14.41 10.51 2.98
CA LEU A 89 14.64 9.13 3.42
C LEU A 89 13.72 8.15 2.68
N VAL A 90 12.44 8.49 2.63
CA VAL A 90 11.46 7.61 1.98
C VAL A 90 11.73 7.54 0.47
N HIS A 91 12.00 8.68 -0.15
CA HIS A 91 12.30 8.68 -1.57
C HIS A 91 13.51 7.80 -1.89
N HIS A 92 14.55 7.89 -1.08
CA HIS A 92 15.71 7.04 -1.28
C HIS A 92 15.40 5.56 -1.16
N HIS A 93 14.76 5.18 -0.06
CA HIS A 93 14.45 3.79 0.19
C HIS A 93 13.34 3.22 -0.68
N SER A 94 12.69 4.06 -1.47
CA SER A 94 11.75 3.59 -2.47
C SER A 94 12.44 2.97 -3.67
N THR A 95 13.75 3.22 -3.83
CA THR A 95 14.49 2.58 -4.92
C THR A 95 15.72 1.79 -4.50
N VAL A 96 16.22 2.07 -3.31
CA VAL A 96 17.38 1.39 -2.77
C VAL A 96 17.03 0.88 -1.37
N ALA A 97 16.95 -0.43 -1.19
CA ALA A 97 16.51 -1.00 0.10
C ALA A 97 17.48 -0.65 1.21
N ASP A 98 18.77 -0.79 0.95
CA ASP A 98 19.81 -0.28 1.85
C ASP A 98 19.50 -0.60 3.30
N GLY A 99 19.37 -1.89 3.64
CA GLY A 99 19.14 -2.28 5.06
C GLY A 99 17.70 -2.67 5.39
N LEU A 100 16.77 -2.20 4.58
CA LEU A 100 15.38 -2.66 4.68
C LEU A 100 15.23 -3.97 3.93
N ILE A 101 14.24 -4.76 4.35
CA ILE A 101 14.08 -6.09 3.78
C ILE A 101 13.69 -6.02 2.31
N THR A 102 13.04 -4.92 1.95
CA THR A 102 12.75 -4.63 0.55
C THR A 102 12.55 -3.12 0.43
N THR A 103 12.37 -2.64 -0.79
CA THR A 103 12.15 -1.22 -0.99
C THR A 103 10.75 -0.77 -0.53
N LEU A 104 10.65 0.50 -0.16
CA LEU A 104 9.40 1.14 0.19
C LEU A 104 8.68 1.55 -1.09
N HIS A 105 7.79 0.71 -1.58
CA HIS A 105 7.29 0.88 -2.94
C HIS A 105 5.84 1.30 -3.06
N TYR A 106 4.94 0.71 -2.25
CA TYR A 106 3.50 0.90 -2.40
C TYR A 106 2.90 1.54 -1.15
N PRO A 107 2.73 2.87 -1.14
CA PRO A 107 2.11 3.50 0.06
C PRO A 107 0.74 2.93 0.40
N ALA A 108 0.52 2.50 1.64
CA ALA A 108 -0.75 1.94 2.01
C ALA A 108 -1.85 3.01 1.88
N PRO A 109 -3.02 2.63 1.32
CA PRO A 109 -4.14 3.54 1.35
C PRO A 109 -4.48 3.95 2.79
N LYS A 110 -4.76 5.22 2.97
CA LYS A 110 -5.06 5.71 4.31
C LYS A 110 -6.54 5.43 4.56
N ARG A 111 -6.86 5.04 5.79
CA ARG A 111 -8.23 4.61 6.09
C ARG A 111 -8.74 5.27 7.34
N SER B 2 -6.86 14.45 0.23
CA SER B 2 -6.69 13.01 -0.13
C SER B 2 -5.68 12.77 -1.27
N VAL B 3 -4.96 11.66 -1.11
CA VAL B 3 -3.94 11.19 -2.02
C VAL B 3 -4.55 10.76 -3.36
N SER B 4 -3.85 11.02 -4.46
CA SER B 4 -4.31 10.52 -5.75
CA SER B 4 -4.29 10.51 -5.75
C SER B 4 -3.83 9.07 -5.94
N ASP B 5 -4.53 8.33 -6.78
CA ASP B 5 -4.26 6.92 -6.99
C ASP B 5 -3.73 6.57 -8.38
N VAL B 6 -3.10 5.41 -8.46
CA VAL B 6 -2.77 4.76 -9.71
C VAL B 6 -3.06 3.26 -9.60
N PRO B 7 -3.79 2.68 -10.57
CA PRO B 7 -4.62 3.32 -11.62
C PRO B 7 -5.54 4.40 -11.04
N THR B 8 -6.16 5.18 -11.91
CA THR B 8 -6.95 6.32 -11.49
C THR B 8 -8.46 6.06 -11.29
N LYS B 9 -8.94 5.01 -11.95
CA LYS B 9 -10.33 4.62 -11.92
C LYS B 9 -10.40 3.13 -11.55
N LEU B 10 -11.41 2.77 -10.78
CA LEU B 10 -11.69 1.36 -10.42
C LEU B 10 -13.17 1.24 -10.10
N GLU B 11 -13.84 0.36 -10.83
CA GLU B 11 -15.28 0.21 -10.73
C GLU B 11 -15.66 -1.27 -10.87
N VAL B 12 -16.72 -1.64 -10.17
CA VAL B 12 -17.39 -2.90 -10.42
C VAL B 12 -18.38 -2.64 -11.55
N VAL B 13 -18.12 -3.25 -12.71
CA VAL B 13 -18.91 -2.95 -13.88
C VAL B 13 -20.09 -3.91 -14.08
N ALA B 14 -19.96 -5.11 -13.53
CA ALA B 14 -21.06 -6.07 -13.51
C ALA B 14 -20.84 -6.98 -12.30
N ALA B 15 -21.94 -7.43 -11.70
CA ALA B 15 -21.84 -8.23 -10.49
C ALA B 15 -23.07 -9.13 -10.32
N THR B 16 -22.79 -10.33 -9.84
CA THR B 16 -23.77 -11.15 -9.13
C THR B 16 -23.42 -11.10 -7.63
N PRO B 17 -24.19 -11.78 -6.79
CA PRO B 17 -23.82 -11.81 -5.38
C PRO B 17 -22.51 -12.51 -5.08
N THR B 18 -21.97 -13.29 -6.03
CA THR B 18 -20.75 -14.04 -5.80
C THR B 18 -19.60 -13.71 -6.75
N SER B 19 -19.88 -12.99 -7.83
CA SER B 19 -18.97 -12.95 -9.00
C SER B 19 -18.98 -11.56 -9.61
N LEU B 20 -17.80 -10.93 -9.63
CA LEU B 20 -17.65 -9.54 -10.04
C LEU B 20 -16.78 -9.44 -11.27
N LEU B 21 -17.11 -8.45 -12.10
CA LEU B 21 -16.25 -7.95 -13.15
C LEU B 21 -15.84 -6.52 -12.76
N ILE B 22 -14.53 -6.32 -12.57
CA ILE B 22 -13.98 -5.03 -12.21
C ILE B 22 -13.17 -4.47 -13.37
N SER B 23 -13.12 -3.15 -13.45
CA SER B 23 -12.43 -2.45 -14.51
C SER B 23 -11.71 -1.24 -13.99
N TRP B 24 -10.48 -1.05 -14.44
CA TRP B 24 -9.71 0.16 -14.16
C TRP B 24 -9.22 0.75 -15.49
N ASP B 25 -8.56 1.90 -15.44
CA ASP B 25 -8.05 2.52 -16.66
C ASP B 25 -6.69 1.99 -17.07
N ALA B 26 -6.56 1.54 -18.32
CA ALA B 26 -5.27 1.16 -18.87
C ALA B 26 -4.33 2.37 -18.85
N PRO B 27 -3.01 2.12 -18.77
CA PRO B 27 -2.09 3.23 -18.75
C PRO B 27 -2.00 3.96 -20.08
N ALA B 28 -1.73 5.25 -19.98
CA ALA B 28 -1.40 6.06 -21.16
C ALA B 28 -0.04 5.73 -21.70
N VAL B 29 0.85 5.33 -20.80
CA VAL B 29 2.19 4.97 -21.22
C VAL B 29 2.33 3.44 -21.25
N THR B 30 2.85 2.82 -20.18
CA THR B 30 2.99 1.37 -20.11
C THR B 30 2.82 0.88 -18.66
N VAL B 31 2.59 -0.43 -18.55
CA VAL B 31 2.65 -1.13 -17.25
C VAL B 31 3.20 -2.52 -17.47
N ASP B 32 3.83 -3.12 -16.49
N ASP B 32 3.90 -3.03 -16.43
CA ASP B 32 4.27 -4.49 -16.73
CA ASP B 32 4.50 -4.38 -16.37
C ASP B 32 3.16 -5.47 -16.39
C ASP B 32 3.39 -5.46 -16.25
N TYR B 33 2.65 -5.40 -15.15
CA TYR B 33 1.51 -6.25 -14.85
C TYR B 33 0.87 -5.69 -13.59
N TYR B 34 -0.28 -6.26 -13.21
CA TYR B 34 -0.98 -5.81 -12.02
C TYR B 34 -1.00 -6.87 -10.97
N VAL B 35 -1.12 -6.44 -9.72
CA VAL B 35 -1.45 -7.32 -8.62
C VAL B 35 -2.74 -6.78 -8.03
N ILE B 36 -3.65 -7.68 -7.71
CA ILE B 36 -4.93 -7.33 -7.08
C ILE B 36 -5.03 -8.12 -5.77
N THR B 37 -5.45 -7.43 -4.73
CA THR B 37 -5.78 -8.10 -3.48
C THR B 37 -7.25 -7.89 -3.18
N TYR B 38 -7.86 -8.90 -2.57
CA TYR B 38 -9.26 -8.74 -2.16
C TYR B 38 -9.54 -9.56 -0.92
N GLY B 39 -10.45 -9.08 -0.11
CA GLY B 39 -10.80 -9.78 1.12
C GLY B 39 -11.87 -8.98 1.84
N GLU B 40 -12.48 -9.60 2.85
CA GLU B 40 -13.50 -8.92 3.59
C GLU B 40 -12.97 -7.66 4.23
N THR B 41 -13.75 -6.59 4.11
CA THR B 41 -13.41 -5.33 4.76
CA THR B 41 -13.37 -5.35 4.74
C THR B 41 -13.09 -5.61 6.22
N GLY B 42 -12.11 -4.91 6.75
CA GLY B 42 -11.75 -5.05 8.17
C GLY B 42 -10.68 -6.08 8.43
N GLY B 43 -10.38 -6.92 7.45
CA GLY B 43 -9.18 -7.75 7.56
C GLY B 43 -9.22 -8.96 8.48
N TRP B 44 -10.38 -9.30 9.03
CA TRP B 44 -10.44 -10.47 9.91
C TRP B 44 -10.19 -11.77 9.19
N SER B 45 -10.84 -11.94 8.04
CA SER B 45 -10.78 -13.19 7.33
C SER B 45 -9.63 -13.29 6.33
N GLY B 46 -8.88 -12.20 6.18
CA GLY B 46 -7.66 -12.17 5.39
C GLY B 46 -7.86 -11.69 3.97
N TYR B 47 -6.76 -11.69 3.21
CA TYR B 47 -6.76 -11.21 1.83
C TYR B 47 -6.13 -12.26 0.96
N GLN B 48 -6.65 -12.36 -0.26
CA GLN B 48 -6.04 -13.12 -1.32
C GLN B 48 -5.43 -12.18 -2.35
N GLU B 49 -4.40 -12.65 -3.05
CA GLU B 49 -3.63 -11.86 -3.98
C GLU B 49 -3.54 -12.63 -5.28
N PHE B 50 -3.65 -11.92 -6.41
CA PHE B 50 -3.42 -12.53 -7.70
C PHE B 50 -2.84 -11.55 -8.68
N GLU B 51 -2.21 -12.05 -9.73
CA GLU B 51 -1.65 -11.21 -10.79
C GLU B 51 -2.58 -11.12 -11.97
N VAL B 52 -2.47 -10.03 -12.72
CA VAL B 52 -3.25 -9.79 -13.91
C VAL B 52 -2.27 -9.36 -15.00
N PRO B 53 -2.35 -9.96 -16.18
CA PRO B 53 -1.47 -9.54 -17.26
C PRO B 53 -1.62 -8.07 -17.62
N GLY B 54 -0.52 -7.47 -18.02
CA GLY B 54 -0.50 -6.08 -18.37
C GLY B 54 -1.29 -5.74 -19.63
N SER B 55 -1.69 -6.75 -20.41
CA SER B 55 -2.54 -6.56 -21.55
C SER B 55 -4.01 -6.30 -21.22
N LYS B 56 -4.39 -6.51 -19.95
CA LYS B 56 -5.78 -6.32 -19.52
C LYS B 56 -5.95 -5.03 -18.74
N SER B 57 -7.21 -4.59 -18.66
CA SER B 57 -7.60 -3.59 -17.68
C SER B 57 -8.92 -3.94 -16.99
N THR B 58 -9.14 -5.24 -16.87
CA THR B 58 -10.29 -5.78 -16.17
C THR B 58 -9.84 -7.05 -15.49
N ALA B 59 -10.66 -7.52 -14.53
CA ALA B 59 -10.44 -8.81 -13.91
C ALA B 59 -11.79 -9.30 -13.41
N THR B 60 -11.91 -10.62 -13.26
CA THR B 60 -13.05 -11.19 -12.58
C THR B 60 -12.62 -11.70 -11.21
N ILE B 61 -13.50 -11.53 -10.22
CA ILE B 61 -13.26 -12.06 -8.86
C ILE B 61 -14.53 -12.83 -8.50
N SER B 62 -14.38 -14.13 -8.26
CA SER B 62 -15.53 -14.97 -8.10
C SER B 62 -15.43 -15.85 -6.85
N GLY B 63 -16.58 -16.43 -6.49
CA GLY B 63 -16.67 -17.24 -5.28
C GLY B 63 -16.77 -16.44 -4.00
N LEU B 64 -17.22 -15.20 -4.12
CA LEU B 64 -17.43 -14.34 -2.96
C LEU B 64 -18.73 -14.71 -2.27
N SER B 65 -18.85 -14.27 -1.02
CA SER B 65 -20.02 -14.55 -0.21
C SER B 65 -21.07 -13.46 -0.46
N PRO B 66 -22.34 -13.85 -0.64
CA PRO B 66 -23.41 -12.87 -0.85
C PRO B 66 -23.60 -11.96 0.34
N GLY B 67 -23.79 -10.67 0.06
CA GLY B 67 -24.09 -9.67 1.06
C GLY B 67 -22.96 -9.26 1.98
N VAL B 68 -21.74 -9.51 1.54
CA VAL B 68 -20.57 -9.25 2.32
C VAL B 68 -19.76 -8.09 1.72
N ASP B 69 -19.12 -7.30 2.58
CA ASP B 69 -18.31 -6.16 2.14
C ASP B 69 -16.88 -6.61 1.88
N TYR B 70 -16.37 -6.25 0.70
CA TYR B 70 -14.99 -6.55 0.31
C TYR B 70 -14.19 -5.30 0.02
N THR B 71 -12.90 -5.34 0.38
CA THR B 71 -11.92 -4.32 -0.02
C THR B 71 -11.07 -4.89 -1.14
N ILE B 72 -11.06 -4.18 -2.26
CA ILE B 72 -10.39 -4.60 -3.49
C ILE B 72 -9.38 -3.51 -3.85
N THR B 73 -8.13 -3.92 -4.06
CA THR B 73 -7.03 -2.98 -4.29
C THR B 73 -6.25 -3.45 -5.52
N VAL B 74 -5.98 -2.51 -6.42
CA VAL B 74 -5.25 -2.76 -7.67
C VAL B 74 -3.92 -2.01 -7.68
N TYR B 75 -2.86 -2.78 -7.88
CA TYR B 75 -1.49 -2.30 -7.88
C TYR B 75 -0.95 -2.42 -9.30
N ALA B 76 -0.35 -1.33 -9.80
CA ALA B 76 0.46 -1.39 -11.00
C ALA B 76 1.86 -1.79 -10.58
N TYR B 77 2.21 -3.05 -10.83
CA TYR B 77 3.45 -3.58 -10.32
C TYR B 77 4.64 -2.86 -10.91
N GLY B 78 5.49 -2.36 -10.04
CA GLY B 78 6.68 -1.65 -10.49
C GLY B 78 6.51 -0.16 -10.75
N TYR B 79 5.28 0.33 -10.75
CA TYR B 79 5.03 1.75 -10.97
C TYR B 79 5.63 2.51 -9.78
N PRO B 80 6.29 3.66 -10.02
CA PRO B 80 6.91 4.42 -8.92
C PRO B 80 5.94 5.33 -8.15
N TYR B 81 5.11 4.67 -7.36
CA TYR B 81 4.12 5.33 -6.55
C TYR B 81 4.74 6.45 -5.70
N VAL B 82 5.86 6.16 -5.07
CA VAL B 82 6.46 7.11 -4.12
C VAL B 82 6.91 8.39 -4.86
N LYS B 83 7.55 8.22 -6.01
CA LYS B 83 8.03 9.34 -6.81
C LYS B 83 6.92 10.35 -7.10
N TYR B 84 5.71 9.84 -7.37
CA TYR B 84 4.61 10.69 -7.73
C TYR B 84 3.55 10.91 -6.64
N ASN B 85 3.89 10.51 -5.41
CA ASN B 85 3.02 10.66 -4.26
C ASN B 85 1.66 10.03 -4.44
N LYS B 86 1.67 8.78 -4.90
CA LYS B 86 0.45 8.04 -5.19
C LYS B 86 0.24 6.88 -4.23
N SER B 87 -1.00 6.43 -4.16
CA SER B 87 -1.35 5.16 -3.55
C SER B 87 -1.99 4.23 -4.59
N PRO B 88 -1.94 2.93 -4.36
CA PRO B 88 -2.78 2.01 -5.14
C PRO B 88 -4.25 2.33 -4.97
N ILE B 89 -5.02 2.11 -6.01
CA ILE B 89 -6.44 2.37 -5.98
C ILE B 89 -7.19 1.25 -5.24
N SER B 90 -8.12 1.64 -4.38
CA SER B 90 -8.89 0.68 -3.61
CA SER B 90 -8.90 0.69 -3.61
C SER B 90 -10.34 1.13 -3.52
N ILE B 91 -11.23 0.15 -3.58
CA ILE B 91 -12.65 0.34 -3.33
C ILE B 91 -13.17 -0.67 -2.33
N ASN B 92 -14.26 -0.29 -1.66
CA ASN B 92 -15.04 -1.25 -0.92
C ASN B 92 -16.34 -1.51 -1.70
N TYR B 93 -16.75 -2.77 -1.74
CA TYR B 93 -17.96 -3.14 -2.45
C TYR B 93 -18.70 -4.20 -1.66
N ARG B 94 -20.01 -4.01 -1.53
CA ARG B 94 -20.88 -5.00 -0.90
C ARG B 94 -21.57 -5.84 -1.96
N THR B 95 -21.40 -7.15 -1.89
N THR B 95 -21.22 -7.13 -1.93
CA THR B 95 -21.92 -8.04 -2.94
CA THR B 95 -21.99 -8.18 -2.56
C THR B 95 -23.43 -8.24 -2.71
C THR B 95 -21.26 -8.77 -3.78
C1 GOL C . -6.91 -2.66 4.90
O1 GOL C . -5.93 -3.68 4.87
C2 GOL C . -7.65 -2.64 6.23
O2 GOL C . -6.86 -2.01 7.25
C3 GOL C . -8.01 -4.04 6.70
O3 GOL C . -9.13 -4.47 5.94
N1 IMD D . 14.36 -12.60 5.92
C2 IMD D . 13.64 -12.20 7.02
N3 IMD D . 12.36 -12.53 6.78
C4 IMD D . 12.29 -13.09 5.55
C5 IMD D . 13.56 -13.11 5.00
N1 IMD E . -7.07 -1.53 13.46
C2 IMD E . -6.85 -0.24 13.79
N3 IMD E . -6.69 0.48 12.65
C4 IMD E . -6.85 -0.36 11.60
C5 IMD E . -7.13 -1.61 12.11
C1 GOL F . -8.71 -13.08 -12.56
O1 GOL F . -9.84 -13.96 -12.38
C2 GOL F . -8.49 -12.75 -14.03
O2 GOL F . -9.64 -12.04 -14.55
C3 GOL F . -7.26 -11.85 -14.17
O3 GOL F . -6.95 -11.61 -15.56
C1 GOL G . -10.34 -14.94 -8.44
O1 GOL G . -11.66 -15.40 -8.83
C2 GOL G . -9.16 -15.70 -9.09
O2 GOL G . -9.42 -15.89 -10.46
C3 GOL G . -7.84 -14.93 -9.03
O3 GOL G . -6.80 -15.56 -9.80
C1 GOL H . 9.59 -8.57 -18.43
O1 GOL H . 10.30 -9.08 -17.30
C2 GOL H . 8.53 -7.59 -17.97
O2 GOL H . 9.07 -6.73 -16.97
C3 GOL H . 8.06 -6.76 -19.16
O3 GOL H . 6.84 -6.11 -18.79
C1 GOL I . 2.80 -12.80 -13.44
O1 GOL I . 4.19 -13.01 -13.09
C2 GOL I . 2.69 -11.89 -14.65
O2 GOL I . 3.16 -12.59 -15.82
C3 GOL I . 1.23 -11.46 -14.86
O3 GOL I . 0.81 -11.86 -16.17
#